data_8GJZ
#
_entry.id   8GJZ
#
_cell.length_a   113.429
_cell.length_b   113.429
_cell.length_c   259.272
_cell.angle_alpha   90.000
_cell.angle_beta   90.000
_cell.angle_gamma   120.000
#
_symmetry.space_group_name_H-M   'P 65 2 2'
#
loop_
_entity.id
_entity.type
_entity.pdbx_description
1 polymer 'Stimulator of interferon genes protein'
2 non-polymer "2'3'-cUA"
3 water water
#
_entity_poly.entity_id   1
_entity_poly.type   'polypeptide(L)'
_entity_poly.pdbx_seq_one_letter_code
;SNVADGLAWSYYFGYLRLVLPRLELRISESEYFRHKITDRKLFILLPKTCFTCDDIEQADSRVKWVGNLPESKINRGGIK
ERSYKHAVHEIVMPFPDGTEEKYHFIVEYATPLMSLYDMSRFTDAQLTGSERDHQVVLFIRKLTEILGKSEECKGRYELI
PFSGDEDKNKIADILVALHNNANIMVDE
;
_entity_poly.pdbx_strand_id   A,B
#
loop_
_chem_comp.id
_chem_comp.type
_chem_comp.name
_chem_comp.formula
ZNT non-polymer 2'3'-cUA 'C19 H23 N7 O14 P2'
#
# COMPACT_ATOMS: atom_id res chain seq x y z
N SER A 1 4.68 -20.19 3.91
CA SER A 1 3.28 -20.61 3.90
C SER A 1 2.68 -20.53 2.49
N ASN A 2 1.82 -19.56 2.28
CA ASN A 2 1.13 -19.36 1.01
C ASN A 2 1.31 -17.93 0.54
N VAL A 3 0.99 -17.70 -0.74
CA VAL A 3 1.06 -16.36 -1.31
C VAL A 3 -0.06 -15.49 -0.74
N ALA A 4 -1.24 -16.06 -0.57
CA ALA A 4 -2.37 -15.27 -0.09
C ALA A 4 -2.20 -14.85 1.37
N ASP A 5 -1.53 -15.68 2.18
CA ASP A 5 -1.34 -15.34 3.58
C ASP A 5 -0.59 -14.03 3.74
N GLY A 6 0.45 -13.82 2.92
CA GLY A 6 1.16 -12.56 2.97
C GLY A 6 0.32 -11.39 2.51
N LEU A 7 -0.49 -11.59 1.47
CA LEU A 7 -1.30 -10.49 0.95
C LEU A 7 -2.40 -10.11 1.93
N ALA A 8 -3.03 -11.10 2.57
CA ALA A 8 -4.09 -10.80 3.54
C ALA A 8 -3.52 -10.12 4.78
N TRP A 9 -2.37 -10.59 5.26
CA TRP A 9 -1.77 -9.96 6.43
C TRP A 9 -1.23 -8.57 6.10
N SER A 10 -0.65 -8.40 4.91
CA SER A 10 -0.22 -7.07 4.48
C SER A 10 -1.42 -6.13 4.37
N TYR A 11 -2.54 -6.62 3.83
CA TYR A 11 -3.74 -5.82 3.71
C TYR A 11 -4.26 -5.40 5.08
N TYR A 12 -4.11 -6.27 6.08
CA TYR A 12 -4.60 -5.95 7.42
C TYR A 12 -3.64 -5.02 8.16
N PHE A 13 -2.35 -5.40 8.24
CA PHE A 13 -1.41 -4.63 9.05
C PHE A 13 -1.13 -3.26 8.44
N GLY A 14 -1.02 -3.19 7.12
CA GLY A 14 -0.67 -1.94 6.48
C GLY A 14 -1.83 -1.04 6.13
N TYR A 15 -3.08 -1.45 6.39
CA TYR A 15 -4.22 -0.67 5.96
C TYR A 15 -5.45 -0.84 6.85
N LEU A 16 -6.05 -2.04 6.84
CA LEU A 16 -7.32 -2.24 7.52
C LEU A 16 -7.22 -1.99 9.02
N ARG A 17 -6.14 -2.47 9.65
CA ARG A 17 -5.97 -2.23 11.08
C ARG A 17 -5.77 -0.75 11.39
N LEU A 18 -5.40 0.05 10.40
CA LEU A 18 -5.14 1.47 10.59
C LEU A 18 -6.35 2.35 10.29
N VAL A 19 -7.15 2.02 9.28
CA VAL A 19 -8.19 2.92 8.80
C VAL A 19 -9.56 2.57 9.38
N LEU A 20 -9.77 1.29 9.68
CA LEU A 20 -11.07 0.89 10.24
C LEU A 20 -11.32 1.51 11.61
N PRO A 21 -10.39 1.53 12.56
CA PRO A 21 -10.66 2.25 13.81
C PRO A 21 -10.82 3.74 13.63
N ARG A 22 -10.20 4.32 12.60
CA ARG A 22 -10.33 5.75 12.32
C ARG A 22 -11.57 6.07 11.49
N LEU A 23 -12.36 5.08 11.11
CA LEU A 23 -13.41 5.32 10.12
C LEU A 23 -14.54 6.16 10.68
N GLU A 24 -14.97 5.89 11.91
CA GLU A 24 -16.08 6.66 12.48
C GLU A 24 -15.67 8.10 12.75
N LEU A 25 -14.38 8.34 13.04
CA LEU A 25 -13.92 9.69 13.29
C LEU A 25 -13.80 10.50 12.00
N ARG A 26 -13.38 9.86 10.90
CA ARG A 26 -13.30 10.57 9.63
C ARG A 26 -14.67 11.06 9.19
N ILE A 27 -15.71 10.26 9.38
CA ILE A 27 -17.05 10.66 8.96
C ILE A 27 -17.59 11.77 9.86
N SER A 28 -17.18 11.79 11.12
CA SER A 28 -17.61 12.87 12.01
C SER A 28 -16.97 14.20 11.62
N GLU A 29 -15.71 14.15 11.17
CA GLU A 29 -15.02 15.39 10.79
C GLU A 29 -15.60 16.01 9.53
N SER A 30 -16.13 15.18 8.62
CA SER A 30 -16.68 15.67 7.36
C SER A 30 -18.06 16.28 7.63
N GLU A 31 -18.14 17.62 7.58
CA GLU A 31 -19.42 18.28 7.78
C GLU A 31 -20.40 18.04 6.65
N TYR A 32 -19.93 17.52 5.51
CA TYR A 32 -20.82 17.22 4.39
C TYR A 32 -21.34 15.79 4.42
N PHE A 33 -20.59 14.86 5.03
CA PHE A 33 -20.96 13.45 5.02
C PHE A 33 -21.36 12.90 6.38
N ARG A 34 -21.27 13.69 7.45
CA ARG A 34 -21.50 13.14 8.79
C ARG A 34 -22.93 12.65 8.96
N HIS A 35 -23.88 13.28 8.28
CA HIS A 35 -25.28 12.88 8.37
C HIS A 35 -25.75 12.08 7.17
N LYS A 36 -24.89 11.91 6.16
CA LYS A 36 -25.27 11.15 4.97
C LYS A 36 -24.89 9.68 5.06
N ILE A 37 -23.87 9.35 5.84
CA ILE A 37 -23.38 7.98 5.97
C ILE A 37 -23.89 7.41 7.28
N THR A 38 -24.90 6.53 7.20
CA THR A 38 -25.45 5.90 8.39
C THR A 38 -24.70 4.63 8.77
N ASP A 39 -24.29 3.84 7.79
CA ASP A 39 -23.50 2.63 8.03
C ASP A 39 -22.03 3.02 8.00
N ARG A 40 -21.47 3.31 9.19
CA ARG A 40 -20.09 3.74 9.32
C ARG A 40 -19.18 2.51 9.36
N LYS A 41 -19.04 1.90 8.19
CA LYS A 41 -18.19 0.72 8.04
C LYS A 41 -17.73 0.63 6.59
N LEU A 42 -16.58 -0.01 6.39
CA LEU A 42 -16.01 -0.17 5.06
C LEU A 42 -16.53 -1.46 4.44
N PHE A 43 -17.22 -1.33 3.30
CA PHE A 43 -17.71 -2.48 2.56
C PHE A 43 -16.65 -2.91 1.56
N ILE A 44 -15.98 -4.02 1.86
CA ILE A 44 -14.86 -4.49 1.04
C ILE A 44 -15.40 -5.44 -0.02
N LEU A 45 -15.09 -5.14 -1.28
CA LEU A 45 -15.47 -5.99 -2.39
C LEU A 45 -14.37 -7.03 -2.64
N LEU A 46 -14.77 -8.30 -2.73
CA LEU A 46 -13.86 -9.41 -2.96
C LEU A 46 -14.22 -10.07 -4.28
N PRO A 47 -13.77 -9.51 -5.40
CA PRO A 47 -14.08 -10.12 -6.71
C PRO A 47 -13.39 -11.45 -6.87
N LYS A 48 -14.09 -12.40 -7.52
CA LYS A 48 -13.59 -13.75 -7.69
C LYS A 48 -13.33 -14.14 -9.13
N THR A 49 -14.05 -13.55 -10.09
CA THR A 49 -13.87 -13.88 -11.50
C THR A 49 -12.98 -12.86 -12.21
N CYS A 50 -13.36 -11.59 -12.15
CA CYS A 50 -12.59 -10.50 -12.73
C CYS A 50 -11.79 -9.80 -11.64
N PHE A 51 -10.67 -9.19 -12.03
CA PHE A 51 -9.79 -8.51 -11.08
C PHE A 51 -9.37 -7.13 -11.55
N THR A 52 -9.95 -6.61 -12.63
CA THR A 52 -9.59 -5.27 -13.10
C THR A 52 -10.04 -4.19 -12.14
N CYS A 53 -11.00 -4.47 -11.26
CA CYS A 53 -11.51 -3.53 -10.27
C CYS A 53 -12.03 -2.26 -10.93
N ASP A 54 -12.98 -2.44 -11.84
CA ASP A 54 -13.59 -1.31 -12.53
C ASP A 54 -14.49 -0.53 -11.59
N ASP A 55 -14.70 0.74 -11.92
CA ASP A 55 -15.55 1.59 -11.10
C ASP A 55 -16.98 1.06 -11.06
N ILE A 56 -17.52 0.93 -9.85
CA ILE A 56 -18.85 0.35 -9.69
C ILE A 56 -19.92 1.31 -10.21
N GLU A 57 -19.66 2.62 -10.18
CA GLU A 57 -20.65 3.59 -10.62
C GLU A 57 -20.93 3.50 -12.12
N GLN A 58 -20.00 2.94 -12.88
CA GLN A 58 -20.18 2.83 -14.33
C GLN A 58 -21.13 1.69 -14.73
N ALA A 59 -21.49 0.82 -13.79
CA ALA A 59 -22.30 -0.36 -14.10
C ALA A 59 -23.70 -0.29 -13.50
N ASP A 60 -24.11 0.87 -12.98
CA ASP A 60 -25.41 0.99 -12.33
C ASP A 60 -25.80 2.45 -12.28
N SER A 61 -26.97 2.78 -12.83
CA SER A 61 -27.48 4.15 -12.76
C SER A 61 -27.88 4.56 -11.36
N ARG A 62 -28.01 3.60 -10.43
CA ARG A 62 -28.32 3.93 -9.05
C ARG A 62 -27.09 4.29 -8.23
N VAL A 63 -25.89 3.98 -8.73
CA VAL A 63 -24.64 4.20 -8.03
C VAL A 63 -23.94 5.41 -8.65
N LYS A 64 -23.55 6.36 -7.81
CA LYS A 64 -22.89 7.57 -8.28
C LYS A 64 -21.85 8.00 -7.25
N TRP A 65 -20.61 8.19 -7.73
CA TRP A 65 -19.56 8.75 -6.90
C TRP A 65 -19.85 10.21 -6.61
N VAL A 66 -19.78 10.60 -5.34
CA VAL A 66 -20.15 11.96 -4.93
C VAL A 66 -19.01 12.66 -4.20
N GLY A 67 -17.80 12.11 -4.23
CA GLY A 67 -16.64 12.76 -3.66
C GLY A 67 -15.94 11.86 -2.67
N ASN A 68 -14.93 12.41 -2.00
CA ASN A 68 -14.11 11.67 -1.06
C ASN A 68 -14.25 12.28 0.34
N LEU A 69 -13.96 11.46 1.34
CA LEU A 69 -13.84 11.94 2.70
C LEU A 69 -12.53 12.72 2.87
N PRO A 70 -12.46 13.61 3.85
CA PRO A 70 -11.18 14.29 4.13
C PRO A 70 -10.07 13.28 4.39
N GLU A 71 -8.91 13.54 3.82
CA GLU A 71 -7.78 12.64 3.97
C GLU A 71 -7.21 12.72 5.38
N SER A 72 -6.52 11.65 5.77
CA SER A 72 -5.89 11.57 7.08
C SER A 72 -4.52 10.94 6.94
N LYS A 73 -3.61 11.33 7.84
CA LYS A 73 -2.24 10.87 7.82
C LYS A 73 -2.09 9.68 8.76
N ILE A 74 -1.48 8.61 8.26
CA ILE A 74 -1.17 7.43 9.06
C ILE A 74 0.33 7.43 9.35
N ASN A 75 0.68 7.48 10.63
CA ASN A 75 2.08 7.54 11.03
C ASN A 75 2.81 6.22 10.84
N ARG A 76 2.10 5.14 10.51
CA ARG A 76 2.72 3.84 10.33
C ARG A 76 3.59 3.83 9.08
N GLY A 77 4.88 3.65 9.25
CA GLY A 77 5.80 3.63 8.13
C GLY A 77 7.17 4.09 8.57
N GLY A 78 8.07 4.16 7.59
CA GLY A 78 9.43 4.58 7.84
C GLY A 78 9.74 5.95 7.31
N ILE A 79 9.92 6.91 8.22
CA ILE A 79 10.22 8.33 7.95
C ILE A 79 9.48 8.80 6.70
N LYS A 80 8.18 8.53 6.65
CA LYS A 80 7.35 9.00 5.55
C LYS A 80 5.89 8.86 5.97
N GLU A 81 5.17 9.98 6.02
CA GLU A 81 3.76 9.96 6.37
C GLU A 81 2.94 9.71 5.11
N ARG A 82 2.17 8.63 5.12
CA ARG A 82 1.26 8.32 4.02
C ARG A 82 -0.12 8.89 4.33
N SER A 83 -0.85 9.21 3.28
CA SER A 83 -2.19 9.78 3.40
C SER A 83 -3.19 8.84 2.73
N TYR A 84 -4.29 8.58 3.41
CA TYR A 84 -5.38 7.78 2.88
C TYR A 84 -6.66 8.59 2.87
N LYS A 85 -7.55 8.26 1.92
CA LYS A 85 -8.88 8.85 1.88
C LYS A 85 -9.85 7.80 1.38
N HIS A 86 -11.12 7.99 1.71
CA HIS A 86 -12.18 7.08 1.30
C HIS A 86 -13.12 7.79 0.34
N ALA A 87 -13.54 7.07 -0.70
CA ALA A 87 -14.52 7.59 -1.64
C ALA A 87 -15.93 7.23 -1.16
N VAL A 88 -16.85 8.18 -1.30
CA VAL A 88 -18.24 7.99 -0.90
C VAL A 88 -19.08 7.78 -2.15
N HIS A 89 -19.91 6.74 -2.14
CA HIS A 89 -20.81 6.44 -3.24
C HIS A 89 -22.25 6.64 -2.79
N GLU A 90 -23.04 7.29 -3.65
CA GLU A 90 -24.45 7.55 -3.39
C GLU A 90 -25.28 6.48 -4.09
N ILE A 91 -26.13 5.80 -3.32
CA ILE A 91 -27.03 4.78 -3.85
C ILE A 91 -28.44 5.32 -3.76
N VAL A 92 -29.13 5.37 -4.90
CA VAL A 92 -30.50 5.88 -4.96
C VAL A 92 -31.38 4.73 -5.45
N MET A 93 -32.09 4.10 -4.53
CA MET A 93 -33.00 3.01 -4.88
C MET A 93 -34.32 3.60 -5.37
N PRO A 94 -34.72 3.36 -6.61
CA PRO A 94 -35.96 3.93 -7.11
C PRO A 94 -37.18 3.12 -6.67
N PHE A 95 -38.33 3.76 -6.79
CA PHE A 95 -39.61 3.13 -6.50
C PHE A 95 -40.61 3.44 -7.61
N PRO A 96 -41.56 2.54 -7.86
CA PRO A 96 -42.45 2.71 -9.02
C PRO A 96 -43.37 3.93 -8.92
N ASP A 97 -43.56 4.50 -7.73
CA ASP A 97 -44.43 5.67 -7.57
C ASP A 97 -43.68 6.98 -7.73
N GLY A 98 -42.42 6.95 -8.16
CA GLY A 98 -41.62 8.14 -8.34
C GLY A 98 -40.76 8.51 -7.16
N THR A 99 -41.02 7.96 -5.97
CA THR A 99 -40.24 8.29 -4.80
C THR A 99 -38.86 7.64 -4.86
N GLU A 100 -37.98 8.06 -3.96
CA GLU A 100 -36.61 7.56 -3.91
C GLU A 100 -36.20 7.36 -2.46
N GLU A 101 -35.18 6.52 -2.28
CA GLU A 101 -34.49 6.37 -1.00
C GLU A 101 -33.00 6.51 -1.28
N LYS A 102 -32.39 7.54 -0.69
CA LYS A 102 -30.99 7.85 -0.95
C LYS A 102 -30.12 7.32 0.19
N TYR A 103 -29.03 6.65 -0.17
CA TYR A 103 -28.08 6.11 0.79
C TYR A 103 -26.68 6.59 0.42
N HIS A 104 -25.74 6.37 1.33
CA HIS A 104 -24.33 6.64 1.11
C HIS A 104 -23.50 5.54 1.75
N PHE A 105 -22.53 5.03 1.02
CA PHE A 105 -21.71 3.92 1.51
C PHE A 105 -20.25 4.17 1.18
N ILE A 106 -19.37 3.62 2.02
CA ILE A 106 -17.94 3.58 1.76
C ILE A 106 -17.63 2.20 1.20
N VAL A 107 -17.39 2.11 -0.10
CA VAL A 107 -17.16 0.84 -0.79
C VAL A 107 -15.80 0.89 -1.47
N GLU A 108 -14.99 -0.15 -1.24
CA GLU A 108 -13.67 -0.26 -1.84
C GLU A 108 -13.41 -1.70 -2.26
N TYR A 109 -12.56 -1.87 -3.27
CA TYR A 109 -12.11 -3.18 -3.67
C TYR A 109 -10.97 -3.66 -2.79
N ALA A 110 -10.84 -4.98 -2.68
CA ALA A 110 -9.67 -5.58 -2.02
C ALA A 110 -8.51 -5.50 -3.01
N THR A 111 -7.73 -4.43 -2.88
CA THR A 111 -6.63 -4.18 -3.81
C THR A 111 -5.62 -5.34 -3.91
N PRO A 112 -5.25 -6.04 -2.83
CA PRO A 112 -4.29 -7.15 -3.00
C PRO A 112 -4.69 -8.17 -4.06
N LEU A 113 -5.99 -8.37 -4.28
CA LEU A 113 -6.42 -9.28 -5.34
C LEU A 113 -5.93 -8.81 -6.70
N MET A 114 -5.82 -7.50 -6.91
CA MET A 114 -5.27 -6.98 -8.16
C MET A 114 -3.81 -7.39 -8.33
N SER A 115 -3.09 -7.58 -7.22
CA SER A 115 -1.71 -8.05 -7.32
C SER A 115 -1.65 -9.52 -7.70
N LEU A 116 -2.60 -10.33 -7.22
CA LEU A 116 -2.68 -11.72 -7.66
C LEU A 116 -2.95 -11.81 -9.16
N TYR A 117 -3.71 -10.87 -9.71
CA TYR A 117 -3.97 -10.87 -11.14
C TYR A 117 -2.72 -10.46 -11.92
N ASP A 118 -1.89 -9.58 -11.36
CA ASP A 118 -0.70 -9.12 -12.07
C ASP A 118 0.38 -10.19 -12.13
N MET A 119 0.38 -11.13 -11.17
CA MET A 119 1.40 -12.18 -11.18
C MET A 119 1.16 -13.18 -12.30
N SER A 120 -0.11 -13.49 -12.59
CA SER A 120 -0.43 -14.60 -13.47
C SER A 120 -0.51 -14.21 -14.94
N ARG A 121 -0.87 -12.96 -15.25
CA ARG A 121 -1.15 -12.61 -16.64
C ARG A 121 0.11 -12.40 -17.47
N PHE A 122 1.16 -11.84 -16.87
CA PHE A 122 2.35 -11.53 -17.63
C PHE A 122 3.17 -12.79 -17.91
N THR A 123 4.03 -12.71 -18.92
CA THR A 123 4.86 -13.84 -19.31
C THR A 123 5.85 -14.18 -18.19
N ASP A 124 6.30 -15.43 -18.19
CA ASP A 124 7.15 -15.98 -17.12
C ASP A 124 6.50 -15.73 -15.76
N ALA A 125 5.23 -16.10 -15.66
CA ALA A 125 4.44 -15.79 -14.49
C ALA A 125 4.88 -16.61 -13.27
N GLN A 126 4.68 -16.02 -12.10
CA GLN A 126 4.91 -16.76 -10.86
C GLN A 126 3.83 -17.81 -10.64
N LEU A 127 2.59 -17.50 -11.00
CA LEU A 127 1.46 -18.41 -10.84
C LEU A 127 0.74 -18.57 -12.17
N THR A 128 0.20 -19.76 -12.40
CA THR A 128 -0.64 -19.99 -13.57
C THR A 128 -2.08 -19.64 -13.23
N GLY A 129 -2.97 -19.85 -14.20
CA GLY A 129 -4.37 -19.50 -13.98
C GLY A 129 -5.00 -20.30 -12.85
N SER A 130 -4.76 -21.61 -12.83
CA SER A 130 -5.32 -22.45 -11.77
C SER A 130 -4.67 -22.17 -10.43
N GLU A 131 -3.34 -21.96 -10.43
CA GLU A 131 -2.64 -21.70 -9.18
C GLU A 131 -3.01 -20.36 -8.57
N ARG A 132 -3.45 -19.40 -9.41
CA ARG A 132 -3.87 -18.10 -8.90
C ARG A 132 -5.28 -18.15 -8.34
N ASP A 133 -6.18 -18.90 -8.99
CA ASP A 133 -7.56 -19.00 -8.51
C ASP A 133 -7.62 -19.60 -7.11
N HIS A 134 -6.74 -20.58 -6.84
CA HIS A 134 -6.70 -21.16 -5.50
C HIS A 134 -6.25 -20.13 -4.46
N GLN A 135 -5.30 -19.28 -4.83
CA GLN A 135 -4.85 -18.24 -3.90
C GLN A 135 -5.92 -17.18 -3.69
N VAL A 136 -6.78 -16.95 -4.69
CA VAL A 136 -7.88 -16.00 -4.52
C VAL A 136 -8.85 -16.51 -3.47
N VAL A 137 -9.18 -17.80 -3.50
CA VAL A 137 -10.07 -18.38 -2.50
C VAL A 137 -9.40 -18.36 -1.12
N LEU A 138 -8.12 -18.72 -1.06
CA LEU A 138 -7.41 -18.68 0.23
C LEU A 138 -7.31 -17.27 0.77
N PHE A 139 -7.19 -16.27 -0.12
CA PHE A 139 -7.14 -14.88 0.34
C PHE A 139 -8.47 -14.48 0.98
N ILE A 140 -9.59 -14.80 0.34
CA ILE A 140 -10.89 -14.44 0.87
C ILE A 140 -11.12 -15.12 2.21
N ARG A 141 -10.77 -16.41 2.31
CA ARG A 141 -10.97 -17.13 3.57
C ARG A 141 -10.03 -16.61 4.65
N LYS A 142 -8.79 -16.26 4.28
CA LYS A 142 -7.84 -15.78 5.28
C LYS A 142 -8.22 -14.40 5.78
N LEU A 143 -8.61 -13.50 4.88
CA LEU A 143 -9.01 -12.15 5.28
C LEU A 143 -10.23 -12.20 6.21
N THR A 144 -11.12 -13.17 6.00
CA THR A 144 -12.26 -13.32 6.90
C THR A 144 -11.81 -13.73 8.29
N GLU A 145 -10.89 -14.70 8.37
CA GLU A 145 -10.40 -15.16 9.67
C GLU A 145 -9.67 -14.05 10.43
N ILE A 146 -8.90 -13.23 9.71
CA ILE A 146 -8.13 -12.18 10.37
C ILE A 146 -9.07 -11.12 10.93
N LEU A 147 -10.01 -10.63 10.12
CA LEU A 147 -10.95 -9.62 10.57
C LEU A 147 -11.93 -10.17 11.61
N GLY A 148 -12.18 -11.48 11.61
CA GLY A 148 -13.07 -12.06 12.60
C GLY A 148 -12.47 -12.10 13.99
N LYS A 149 -11.15 -12.21 14.09
CA LYS A 149 -10.46 -12.22 15.37
C LYS A 149 -9.92 -10.85 15.77
N SER A 150 -9.90 -9.89 14.85
CA SER A 150 -9.42 -8.54 15.17
C SER A 150 -10.48 -7.82 15.99
N GLU A 151 -10.15 -7.48 17.23
CA GLU A 151 -11.10 -6.84 18.11
C GLU A 151 -11.25 -5.34 17.85
N GLU A 152 -10.24 -4.71 17.23
CA GLU A 152 -10.33 -3.30 16.90
C GLU A 152 -11.05 -3.05 15.57
N CYS A 153 -11.42 -4.10 14.85
CA CYS A 153 -12.15 -3.97 13.59
C CYS A 153 -13.56 -4.51 13.68
N LYS A 154 -13.98 -5.04 14.83
CA LYS A 154 -15.30 -5.65 14.96
C LYS A 154 -16.39 -4.62 14.70
N GLY A 155 -17.33 -4.97 13.83
CA GLY A 155 -18.44 -4.10 13.54
C GLY A 155 -18.09 -2.86 12.73
N ARG A 156 -16.99 -2.90 11.96
CA ARG A 156 -16.60 -1.77 11.15
C ARG A 156 -16.24 -2.19 9.72
N TYR A 157 -16.70 -3.35 9.28
CA TYR A 157 -16.40 -3.85 7.95
C TYR A 157 -17.49 -4.80 7.50
N GLU A 158 -17.55 -5.00 6.18
CA GLU A 158 -18.40 -6.01 5.56
C GLU A 158 -17.67 -6.58 4.36
N LEU A 159 -17.69 -7.90 4.21
CA LEU A 159 -17.02 -8.58 3.12
C LEU A 159 -18.06 -9.02 2.10
N ILE A 160 -17.89 -8.58 0.85
CA ILE A 160 -18.85 -8.89 -0.20
C ILE A 160 -18.15 -9.69 -1.30
N PRO A 161 -18.14 -11.02 -1.23
CA PRO A 161 -17.60 -11.81 -2.33
C PRO A 161 -18.58 -11.88 -3.49
N PHE A 162 -18.05 -11.74 -4.70
CA PHE A 162 -18.86 -11.79 -5.91
C PHE A 162 -17.94 -11.97 -7.10
N SER A 163 -18.54 -12.33 -8.24
CA SER A 163 -17.79 -12.38 -9.50
C SER A 163 -17.72 -10.97 -10.06
N GLY A 164 -16.55 -10.37 -10.02
CA GLY A 164 -16.42 -8.95 -10.28
C GLY A 164 -16.51 -8.50 -11.73
N ASP A 165 -17.23 -9.25 -12.58
CA ASP A 165 -17.34 -8.91 -13.99
C ASP A 165 -18.75 -8.43 -14.27
N GLU A 166 -19.65 -9.28 -14.76
CA GLU A 166 -20.92 -8.85 -15.32
C GLU A 166 -21.97 -8.49 -14.27
N ASP A 167 -21.67 -8.64 -12.98
CA ASP A 167 -22.66 -8.43 -11.94
C ASP A 167 -22.20 -7.36 -10.95
N LYS A 168 -21.60 -6.29 -11.45
CA LYS A 168 -21.34 -5.13 -10.60
C LYS A 168 -22.62 -4.40 -10.23
N ASN A 169 -23.70 -4.58 -11.01
CA ASN A 169 -24.98 -3.97 -10.68
C ASN A 169 -25.64 -4.61 -9.46
N LYS A 170 -25.11 -5.73 -8.96
CA LYS A 170 -25.63 -6.35 -7.75
C LYS A 170 -25.12 -5.69 -6.48
N ILE A 171 -24.10 -4.82 -6.58
CA ILE A 171 -23.53 -4.20 -5.39
C ILE A 171 -24.55 -3.32 -4.69
N ALA A 172 -25.29 -2.52 -5.47
CA ALA A 172 -26.25 -1.58 -4.87
C ALA A 172 -27.31 -2.32 -4.06
N ASP A 173 -27.80 -3.46 -4.58
CA ASP A 173 -28.81 -4.21 -3.86
C ASP A 173 -28.26 -4.87 -2.60
N ILE A 174 -26.99 -5.27 -2.62
CA ILE A 174 -26.39 -5.91 -1.45
C ILE A 174 -26.14 -4.90 -0.35
N LEU A 175 -25.64 -3.71 -0.71
CA LEU A 175 -25.36 -2.69 0.30
C LEU A 175 -26.63 -2.27 1.03
N VAL A 176 -27.74 -2.12 0.29
CA VAL A 176 -28.99 -1.72 0.93
C VAL A 176 -29.53 -2.84 1.80
N ALA A 177 -29.33 -4.10 1.38
CA ALA A 177 -29.80 -5.23 2.19
C ALA A 177 -29.03 -5.31 3.50
N LEU A 178 -27.73 -5.01 3.48
CA LEU A 178 -26.94 -5.01 4.71
C LEU A 178 -27.27 -3.81 5.58
N HIS A 179 -27.75 -2.72 4.99
CA HIS A 179 -28.08 -1.53 5.75
C HIS A 179 -29.41 -1.67 6.50
N ASN A 180 -30.37 -2.39 5.93
CA ASN A 180 -31.71 -2.45 6.51
C ASN A 180 -31.78 -3.39 7.72
N ASN A 181 -30.90 -4.39 7.79
CA ASN A 181 -30.93 -5.33 8.92
C ASN A 181 -29.57 -6.00 9.10
N SER B 1 3.04 -20.88 -2.92
CA SER B 1 4.49 -20.69 -2.91
C SER B 1 4.98 -20.33 -1.53
N ASN B 2 5.52 -19.11 -1.39
CA ASN B 2 6.03 -18.61 -0.12
C ASN B 2 5.36 -17.30 0.23
N VAL B 3 5.40 -16.96 1.52
CA VAL B 3 4.90 -15.67 1.98
C VAL B 3 5.71 -14.54 1.35
N ALA B 4 7.04 -14.70 1.31
CA ALA B 4 7.90 -13.65 0.79
C ALA B 4 7.69 -13.46 -0.71
N ASP B 5 7.45 -14.55 -1.44
CA ASP B 5 7.24 -14.44 -2.88
C ASP B 5 6.06 -13.54 -3.20
N GLY B 6 4.95 -13.70 -2.46
CA GLY B 6 3.80 -12.85 -2.69
C GLY B 6 4.05 -11.39 -2.35
N LEU B 7 4.71 -11.14 -1.22
CA LEU B 7 5.00 -9.76 -0.83
C LEU B 7 5.95 -9.09 -1.81
N ALA B 8 6.89 -9.84 -2.37
CA ALA B 8 7.82 -9.27 -3.34
C ALA B 8 7.11 -8.83 -4.61
N TRP B 9 6.23 -9.69 -5.14
CA TRP B 9 5.49 -9.32 -6.34
C TRP B 9 4.50 -8.19 -6.06
N SER B 10 3.85 -8.22 -4.89
CA SER B 10 2.95 -7.14 -4.53
C SER B 10 3.68 -5.81 -4.45
N TYR B 11 4.85 -5.80 -3.79
CA TYR B 11 5.66 -4.59 -3.71
C TYR B 11 6.10 -4.11 -5.09
N TYR B 12 6.30 -5.04 -6.03
CA TYR B 12 6.70 -4.67 -7.38
C TYR B 12 5.53 -4.10 -8.17
N PHE B 13 4.45 -4.89 -8.29
CA PHE B 13 3.31 -4.45 -9.10
C PHE B 13 2.56 -3.30 -8.43
N GLY B 14 2.44 -3.34 -7.11
CA GLY B 14 1.63 -2.36 -6.42
C GLY B 14 2.32 -1.05 -6.09
N TYR B 15 3.63 -0.97 -6.27
CA TYR B 15 4.35 0.24 -5.89
C TYR B 15 5.51 0.57 -6.83
N LEU B 16 6.48 -0.36 -6.95
CA LEU B 16 7.72 -0.05 -7.66
C LEU B 16 7.46 0.21 -9.14
N ARG B 17 6.72 -0.69 -9.79
CA ARG B 17 6.40 -0.51 -11.20
C ARG B 17 5.53 0.73 -11.46
N LEU B 18 4.94 1.30 -10.41
CA LEU B 18 4.12 2.51 -10.54
C LEU B 18 4.93 3.80 -10.34
N VAL B 19 5.85 3.82 -9.39
CA VAL B 19 6.52 5.06 -9.01
C VAL B 19 7.91 5.22 -9.61
N LEU B 20 8.55 4.13 -10.05
CA LEU B 20 9.89 4.24 -10.61
C LEU B 20 9.88 4.86 -12.02
N PRO B 21 8.94 4.48 -12.91
CA PRO B 21 8.83 5.23 -14.17
C PRO B 21 8.44 6.69 -13.97
N ARG B 22 7.74 7.00 -12.88
CA ARG B 22 7.34 8.37 -12.58
C ARG B 22 8.38 9.13 -11.78
N LEU B 23 9.44 8.46 -11.31
CA LEU B 23 10.42 9.12 -10.45
C LEU B 23 11.24 10.16 -11.21
N GLU B 24 11.70 9.80 -12.42
CA GLU B 24 12.45 10.75 -13.22
C GLU B 24 11.63 12.00 -13.52
N LEU B 25 10.35 11.82 -13.84
CA LEU B 25 9.48 12.96 -14.15
C LEU B 25 9.14 13.75 -12.89
N ARG B 26 8.99 13.07 -11.76
CA ARG B 26 8.54 13.75 -10.55
C ARG B 26 9.63 14.66 -9.97
N ILE B 27 10.89 14.30 -10.17
CA ILE B 27 11.98 15.13 -9.64
C ILE B 27 12.08 16.43 -10.44
N SER B 28 11.95 16.34 -11.76
CA SER B 28 12.10 17.52 -12.61
C SER B 28 10.97 18.54 -12.41
N GLU B 29 9.86 18.12 -11.79
CA GLU B 29 8.76 19.06 -11.54
C GLU B 29 9.00 19.91 -10.31
N SER B 30 9.74 19.38 -9.33
CA SER B 30 10.06 20.13 -8.12
C SER B 30 11.12 21.17 -8.45
N GLU B 31 10.72 22.45 -8.48
CA GLU B 31 11.67 23.51 -8.75
C GLU B 31 12.74 23.63 -7.68
N TYR B 32 12.51 23.07 -6.49
CA TYR B 32 13.48 23.13 -5.41
C TYR B 32 14.47 21.97 -5.43
N PHE B 33 14.07 20.81 -5.94
CA PHE B 33 14.91 19.62 -5.92
C PHE B 33 15.34 19.15 -7.31
N ARG B 34 14.93 19.85 -8.38
CA ARG B 34 15.24 19.36 -9.72
C ARG B 34 16.74 19.32 -9.97
N HIS B 35 17.49 20.26 -9.40
CA HIS B 35 18.94 20.28 -9.56
C HIS B 35 19.68 19.78 -8.33
N LYS B 36 19.01 19.70 -7.17
CA LYS B 36 19.66 19.23 -5.95
C LYS B 36 19.78 17.72 -5.89
N ILE B 37 18.99 17.00 -6.67
CA ILE B 37 19.01 15.53 -6.70
C ILE B 37 19.66 15.11 -8.00
N THR B 38 20.88 14.57 -7.91
CA THR B 38 21.61 14.08 -9.07
C THR B 38 21.57 12.56 -9.17
N ASP B 39 20.97 11.87 -8.21
CA ASP B 39 20.77 10.43 -8.26
C ASP B 39 19.26 10.17 -8.40
N ARG B 40 18.79 10.25 -9.65
CA ARG B 40 17.38 10.05 -9.94
C ARG B 40 17.00 8.58 -9.83
N LYS B 41 17.08 8.03 -8.63
CA LYS B 41 16.77 6.64 -8.38
C LYS B 41 16.34 6.48 -6.92
N LEU B 42 15.57 5.43 -6.67
CA LEU B 42 15.03 5.17 -5.34
C LEU B 42 15.95 4.20 -4.59
N PHE B 43 16.35 4.60 -3.39
CA PHE B 43 17.20 3.78 -2.53
C PHE B 43 16.30 3.06 -1.52
N ILE B 44 16.17 1.74 -1.69
CA ILE B 44 15.26 0.93 -0.89
C ILE B 44 16.05 0.29 0.24
N LEU B 45 15.68 0.61 1.48
CA LEU B 45 16.32 0.02 2.65
C LEU B 45 15.71 -1.35 2.94
N LEU B 46 16.57 -2.34 3.19
CA LEU B 46 16.15 -3.71 3.45
C LEU B 46 16.69 -4.14 4.81
N PRO B 47 15.99 -3.80 5.89
CA PRO B 47 16.44 -4.26 7.21
C PRO B 47 16.33 -5.76 7.35
N LYS B 48 17.35 -6.37 7.94
CA LYS B 48 17.39 -7.82 8.11
C LYS B 48 17.07 -8.27 9.53
N THR B 49 17.57 -7.56 10.54
CA THR B 49 17.36 -7.98 11.92
C THR B 49 16.28 -7.16 12.60
N CYS B 50 16.53 -5.87 12.77
CA CYS B 50 15.59 -4.98 13.44
C CYS B 50 14.66 -4.35 12.43
N PHE B 51 13.35 -4.43 12.69
CA PHE B 51 12.35 -3.91 11.79
C PHE B 51 11.61 -2.69 12.33
N THR B 52 11.86 -2.30 13.58
CA THR B 52 11.39 -1.02 14.08
C THR B 52 12.08 0.09 13.30
N CYS B 53 11.48 0.50 12.18
CA CYS B 53 12.17 1.38 11.24
C CYS B 53 12.50 2.73 11.88
N ASP B 54 11.62 3.22 12.74
CA ASP B 54 11.81 4.50 13.46
C ASP B 54 12.01 5.58 12.39
N ASP B 55 12.99 6.48 12.58
CA ASP B 55 13.31 7.51 11.60
C ASP B 55 14.81 7.48 11.33
N ILE B 56 15.18 7.76 10.09
CA ILE B 56 16.58 7.64 9.70
C ILE B 56 17.39 8.86 10.15
N GLU B 57 16.76 10.02 10.27
CA GLU B 57 17.48 11.24 10.65
C GLU B 57 17.79 11.31 12.13
N GLN B 58 17.06 10.55 12.97
CA GLN B 58 17.29 10.61 14.40
C GLN B 58 18.53 9.85 14.84
N ALA B 59 19.05 8.95 13.99
CA ALA B 59 20.22 8.16 14.32
C ALA B 59 21.47 8.65 13.61
N ASP B 60 21.43 9.84 13.00
CA ASP B 60 22.58 10.36 12.27
C ASP B 60 22.43 11.87 12.16
N SER B 61 23.40 12.61 12.69
CA SER B 61 23.36 14.07 12.60
C SER B 61 23.60 14.56 11.18
N ARG B 62 24.21 13.75 10.33
CA ARG B 62 24.47 14.13 8.95
C ARG B 62 23.26 13.93 8.04
N VAL B 63 22.18 13.33 8.54
CA VAL B 63 20.97 13.08 7.77
C VAL B 63 19.85 13.95 8.31
N LYS B 64 19.05 14.52 7.41
CA LYS B 64 17.98 15.43 7.80
C LYS B 64 16.87 15.38 6.75
N TRP B 65 15.63 15.28 7.21
CA TRP B 65 14.47 15.35 6.33
C TRP B 65 14.20 16.81 5.96
N VAL B 66 14.09 17.08 4.67
CA VAL B 66 13.99 18.47 4.19
C VAL B 66 12.84 18.66 3.21
N GLY B 67 11.82 17.83 3.31
CA GLY B 67 10.62 18.00 2.51
C GLY B 67 10.39 16.83 1.58
N ASN B 68 9.38 16.98 0.72
CA ASN B 68 8.94 15.93 -0.18
C ASN B 68 8.91 16.45 -1.61
N LEU B 69 8.83 15.52 -2.55
CA LEU B 69 8.58 15.85 -3.95
C LEU B 69 7.08 16.06 -4.16
N PRO B 70 6.69 16.68 -5.28
CA PRO B 70 5.26 16.72 -5.62
C PRO B 70 4.70 15.31 -5.73
N GLU B 71 3.52 15.11 -5.15
CA GLU B 71 2.93 13.78 -5.09
C GLU B 71 2.43 13.34 -6.46
N SER B 72 2.22 12.03 -6.59
CA SER B 72 1.72 11.42 -7.81
C SER B 72 0.38 10.76 -7.52
N LYS B 73 -0.66 11.14 -8.26
CA LYS B 73 -1.99 10.58 -8.11
C LYS B 73 -2.17 9.45 -9.11
N ILE B 74 -2.42 8.25 -8.61
CA ILE B 74 -2.60 7.06 -9.44
C ILE B 74 -3.85 6.33 -8.98
N ASN B 75 -4.70 5.95 -9.92
CA ASN B 75 -5.81 5.05 -9.64
C ASN B 75 -5.28 3.64 -9.49
N ARG B 76 -5.40 3.07 -8.30
CA ARG B 76 -4.93 1.73 -8.00
C ARG B 76 -6.13 0.90 -7.54
N GLY B 77 -6.85 0.35 -8.51
CA GLY B 77 -7.99 -0.51 -8.21
C GLY B 77 -9.11 0.19 -7.47
N GLY B 78 -9.41 1.43 -7.83
CA GLY B 78 -10.47 2.16 -7.15
C GLY B 78 -10.83 3.42 -7.92
N ILE B 79 -11.97 3.98 -7.54
CA ILE B 79 -12.43 5.23 -8.16
C ILE B 79 -11.58 6.41 -7.70
N LYS B 80 -11.02 6.33 -6.50
CA LYS B 80 -10.19 7.41 -5.95
C LYS B 80 -8.78 7.33 -6.51
N GLU B 81 -8.04 8.42 -6.30
CA GLU B 81 -6.63 8.50 -6.69
C GLU B 81 -5.78 8.44 -5.42
N ARG B 82 -5.01 7.36 -5.28
CA ARG B 82 -4.13 7.22 -4.13
C ARG B 82 -2.92 8.13 -4.28
N SER B 83 -2.40 8.59 -3.14
CA SER B 83 -1.28 9.50 -3.12
C SER B 83 0.02 8.73 -2.94
N TYR B 84 0.96 8.95 -3.86
CA TYR B 84 2.29 8.34 -3.82
C TYR B 84 3.32 9.47 -3.81
N LYS B 85 3.96 9.68 -2.66
CA LYS B 85 4.85 10.82 -2.47
C LYS B 85 6.18 10.35 -1.91
N HIS B 86 7.27 10.90 -2.43
CA HIS B 86 8.62 10.57 -1.98
C HIS B 86 9.16 11.68 -1.06
N ALA B 87 9.98 11.28 -0.10
CA ALA B 87 10.60 12.20 0.84
C ALA B 87 12.07 12.35 0.51
N VAL B 88 12.53 13.61 0.45
CA VAL B 88 13.92 13.93 0.12
C VAL B 88 14.68 14.15 1.42
N HIS B 89 15.84 13.51 1.54
CA HIS B 89 16.68 13.62 2.72
C HIS B 89 17.97 14.37 2.39
N GLU B 90 18.37 15.25 3.30
CA GLU B 90 19.61 16.01 3.16
C GLU B 90 20.74 15.25 3.85
N ILE B 91 21.85 15.06 3.14
CA ILE B 91 23.01 14.37 3.67
C ILE B 91 24.22 15.28 3.48
N VAL B 92 24.76 15.78 4.57
CA VAL B 92 25.90 16.69 4.55
C VAL B 92 27.09 15.97 5.16
N MET B 93 28.12 15.72 4.36
CA MET B 93 29.30 15.02 4.82
C MET B 93 30.31 16.03 5.34
N PRO B 94 30.68 15.98 6.62
CA PRO B 94 31.62 16.96 7.16
C PRO B 94 33.04 16.68 6.72
N PHE B 95 33.90 17.67 6.91
CA PHE B 95 35.32 17.60 6.60
C PHE B 95 36.10 18.31 7.69
N PRO B 96 37.34 17.88 7.96
CA PRO B 96 38.07 18.41 9.13
C PRO B 96 38.49 19.87 9.01
N ASP B 97 38.37 20.49 7.83
CA ASP B 97 38.75 21.88 7.65
C ASP B 97 37.56 22.84 7.69
N GLY B 98 36.38 22.34 8.08
CA GLY B 98 35.19 23.16 8.15
C GLY B 98 34.33 23.14 6.91
N THR B 99 34.80 22.55 5.81
CA THR B 99 34.01 22.46 4.60
C THR B 99 33.04 21.28 4.66
N GLU B 100 32.05 21.32 3.78
CA GLU B 100 31.03 20.28 3.71
C GLU B 100 30.67 20.01 2.27
N GLU B 101 30.22 18.78 2.01
CA GLU B 101 29.65 18.39 0.73
C GLU B 101 28.25 17.87 0.99
N LYS B 102 27.25 18.54 0.42
CA LYS B 102 25.85 18.25 0.68
C LYS B 102 25.23 17.49 -0.49
N TYR B 103 24.57 16.38 -0.18
CA TYR B 103 23.88 15.57 -1.16
C TYR B 103 22.39 15.52 -0.82
N HIS B 104 21.60 14.99 -1.75
CA HIS B 104 20.16 14.83 -1.55
C HIS B 104 19.73 13.51 -2.19
N PHE B 105 19.24 12.59 -1.36
CA PHE B 105 18.82 11.28 -1.82
C PHE B 105 17.34 11.05 -1.52
N ILE B 106 16.76 10.10 -2.24
CA ILE B 106 15.39 9.67 -2.02
C ILE B 106 15.46 8.24 -1.48
N VAL B 107 15.32 8.09 -0.17
CA VAL B 107 15.51 6.82 0.50
C VAL B 107 14.28 6.51 1.34
N GLU B 108 13.85 5.25 1.30
CA GLU B 108 12.70 4.80 2.10
C GLU B 108 12.81 3.31 2.33
N TYR B 109 12.14 2.84 3.38
CA TYR B 109 12.16 1.44 3.73
C TYR B 109 11.28 0.62 2.79
N ALA B 110 11.57 -0.67 2.72
CA ALA B 110 10.71 -1.61 2.00
C ALA B 110 9.57 -2.01 2.91
N THR B 111 8.37 -1.49 2.62
CA THR B 111 7.24 -1.67 3.52
C THR B 111 6.89 -3.14 3.81
N PRO B 112 6.94 -4.07 2.86
CA PRO B 112 6.55 -5.46 3.19
C PRO B 112 7.34 -6.06 4.34
N LEU B 113 8.60 -5.65 4.53
CA LEU B 113 9.37 -6.17 5.66
C LEU B 113 8.75 -5.76 6.99
N MET B 114 8.04 -4.64 7.04
CA MET B 114 7.32 -4.28 8.26
C MET B 114 6.14 -5.22 8.49
N SER B 115 5.49 -5.66 7.42
CA SER B 115 4.37 -6.58 7.58
C SER B 115 4.84 -7.95 8.05
N LEU B 116 6.01 -8.39 7.60
CA LEU B 116 6.55 -9.66 8.08
C LEU B 116 6.84 -9.61 9.57
N TYR B 117 7.40 -8.49 10.05
CA TYR B 117 7.63 -8.34 11.48
C TYR B 117 6.30 -8.29 12.24
N ASP B 118 5.30 -7.61 11.68
CA ASP B 118 4.01 -7.52 12.34
C ASP B 118 3.34 -8.88 12.44
N MET B 119 3.58 -9.77 11.48
CA MET B 119 2.98 -11.11 11.54
C MET B 119 3.46 -11.86 12.77
N SER B 120 4.78 -12.00 12.92
CA SER B 120 5.34 -12.79 14.00
C SER B 120 5.25 -12.11 15.36
N ARG B 121 4.94 -10.81 15.40
CA ARG B 121 4.99 -10.07 16.66
C ARG B 121 3.80 -10.41 17.55
N PHE B 122 2.58 -10.16 17.07
CA PHE B 122 1.40 -10.33 17.90
C PHE B 122 1.14 -11.81 18.18
N THR B 123 0.29 -12.04 19.18
CA THR B 123 -0.08 -13.40 19.56
C THR B 123 -0.86 -14.08 18.44
N ASP B 124 -0.93 -15.41 18.52
CA ASP B 124 -1.52 -16.24 17.47
C ASP B 124 -0.86 -15.93 16.12
N ALA B 125 0.46 -15.78 16.15
CA ALA B 125 1.19 -15.42 14.94
C ALA B 125 1.34 -16.62 14.02
N GLN B 126 1.17 -16.40 12.73
CA GLN B 126 1.43 -17.45 11.75
C GLN B 126 2.92 -17.74 11.66
N LEU B 127 3.75 -16.70 11.65
CA LEU B 127 5.19 -16.85 11.56
C LEU B 127 5.82 -16.86 12.94
N THR B 128 6.80 -17.74 13.12
CA THR B 128 7.60 -17.75 14.33
C THR B 128 8.86 -16.90 14.10
N GLY B 129 9.70 -16.80 15.12
CA GLY B 129 10.94 -16.06 14.98
C GLY B 129 11.83 -16.62 13.89
N SER B 130 11.90 -17.95 13.79
CA SER B 130 12.73 -18.57 12.76
C SER B 130 12.08 -18.46 11.39
N GLU B 131 10.76 -18.67 11.31
CA GLU B 131 10.09 -18.62 10.01
C GLU B 131 10.10 -17.21 9.43
N ARG B 132 10.00 -16.19 10.29
CA ARG B 132 10.07 -14.81 9.80
C ARG B 132 11.45 -14.51 9.22
N ASP B 133 12.51 -14.91 9.93
CA ASP B 133 13.86 -14.64 9.45
C ASP B 133 14.11 -15.29 8.11
N HIS B 134 13.57 -16.49 7.90
CA HIS B 134 13.74 -17.16 6.61
C HIS B 134 12.99 -16.44 5.51
N GLN B 135 11.79 -15.94 5.82
CA GLN B 135 11.02 -15.21 4.81
C GLN B 135 11.63 -13.85 4.51
N VAL B 136 12.34 -13.25 5.47
CA VAL B 136 13.00 -11.98 5.21
C VAL B 136 14.11 -12.15 4.19
N VAL B 137 14.88 -13.24 4.31
CA VAL B 137 15.94 -13.49 3.35
C VAL B 137 15.37 -13.80 1.98
N LEU B 138 14.31 -14.63 1.93
CA LEU B 138 13.69 -14.96 0.64
C LEU B 138 13.13 -13.71 -0.03
N PHE B 139 12.58 -12.79 0.76
CA PHE B 139 12.04 -11.56 0.19
C PHE B 139 13.13 -10.72 -0.48
N ILE B 140 14.27 -10.56 0.20
CA ILE B 140 15.37 -9.79 -0.37
C ILE B 140 15.88 -10.46 -1.64
N ARG B 141 16.03 -11.79 -1.62
CA ARG B 141 16.47 -12.49 -2.82
C ARG B 141 15.47 -12.33 -3.95
N LYS B 142 14.18 -12.44 -3.65
CA LYS B 142 13.17 -12.38 -4.70
C LYS B 142 13.03 -10.97 -5.27
N LEU B 143 13.01 -9.96 -4.39
CA LEU B 143 12.89 -8.58 -4.86
C LEU B 143 14.07 -8.18 -5.73
N THR B 144 15.25 -8.75 -5.48
CA THR B 144 16.42 -8.43 -6.27
C THR B 144 16.28 -8.95 -7.70
N GLU B 145 15.89 -10.23 -7.84
CA GLU B 145 15.82 -10.81 -9.19
C GLU B 145 14.62 -10.29 -9.97
N ILE B 146 13.57 -9.84 -9.28
CA ILE B 146 12.45 -9.23 -9.99
C ILE B 146 12.85 -7.89 -10.59
N LEU B 147 13.52 -7.05 -9.80
CA LEU B 147 13.98 -5.75 -10.29
C LEU B 147 15.14 -5.89 -11.27
N GLY B 148 15.87 -7.00 -11.23
CA GLY B 148 16.96 -7.21 -12.16
C GLY B 148 16.50 -7.50 -13.57
N LYS B 149 15.29 -8.02 -13.74
CA LYS B 149 14.73 -8.35 -15.05
C LYS B 149 13.71 -7.33 -15.52
N SER B 150 13.46 -6.28 -14.74
CA SER B 150 12.44 -5.30 -15.07
C SER B 150 13.05 -4.23 -15.98
N GLU B 151 12.43 -4.02 -17.14
CA GLU B 151 12.87 -2.96 -18.04
C GLU B 151 12.35 -1.59 -17.61
N GLU B 152 11.18 -1.55 -16.98
CA GLU B 152 10.62 -0.27 -16.51
C GLU B 152 11.36 0.28 -15.30
N CYS B 153 12.22 -0.51 -14.66
CA CYS B 153 12.90 -0.09 -13.45
C CYS B 153 14.42 -0.05 -13.60
N LYS B 154 14.96 -0.43 -14.74
CA LYS B 154 16.41 -0.50 -14.92
C LYS B 154 17.02 0.89 -14.75
N GLY B 155 17.95 1.00 -13.79
CA GLY B 155 18.61 2.26 -13.54
C GLY B 155 17.82 3.23 -12.69
N ARG B 156 16.78 2.77 -12.01
CA ARG B 156 15.92 3.64 -11.21
C ARG B 156 15.86 3.22 -9.75
N TYR B 157 16.70 2.27 -9.32
CA TYR B 157 16.61 1.76 -7.96
C TYR B 157 17.98 1.31 -7.48
N GLU B 158 18.12 1.24 -6.16
CA GLU B 158 19.27 0.63 -5.51
C GLU B 158 18.79 -0.08 -4.26
N LEU B 159 19.33 -1.26 -4.00
CA LEU B 159 18.93 -2.08 -2.85
C LEU B 159 20.03 -2.06 -1.81
N ILE B 160 19.68 -1.66 -0.59
CA ILE B 160 20.65 -1.52 0.49
C ILE B 160 20.25 -2.41 1.66
N PRO B 161 20.73 -3.65 1.72
CA PRO B 161 20.46 -4.48 2.90
C PRO B 161 21.38 -4.11 4.05
N PHE B 162 20.82 -4.10 5.25
CA PHE B 162 21.59 -3.81 6.46
C PHE B 162 20.83 -4.38 7.65
N SER B 163 21.46 -4.31 8.82
CA SER B 163 20.86 -4.88 10.02
C SER B 163 19.62 -4.09 10.44
N GLY B 164 19.78 -2.79 10.65
CA GLY B 164 18.67 -1.92 11.00
C GLY B 164 18.66 -1.48 12.45
N ASP B 165 19.28 -2.24 13.34
CA ASP B 165 19.29 -1.90 14.76
C ASP B 165 20.16 -0.68 15.04
N GLU B 166 21.47 -0.82 14.84
CA GLU B 166 22.40 0.29 15.03
C GLU B 166 23.09 0.72 13.75
N ASP B 167 22.89 0.01 12.64
CA ASP B 167 23.50 0.35 11.36
C ASP B 167 22.84 1.54 10.67
N LYS B 168 21.91 2.22 11.34
CA LYS B 168 21.23 3.34 10.71
C LYS B 168 22.16 4.52 10.45
N ASN B 169 23.27 4.63 11.18
CA ASN B 169 24.27 5.64 10.88
C ASN B 169 25.12 5.29 9.67
N LYS B 170 25.05 4.05 9.20
CA LYS B 170 25.82 3.63 8.03
C LYS B 170 25.12 3.95 6.72
N ILE B 171 23.85 4.35 6.76
CA ILE B 171 23.11 4.60 5.52
C ILE B 171 23.69 5.81 4.80
N ALA B 172 24.05 6.85 5.53
CA ALA B 172 24.61 8.04 4.89
C ALA B 172 25.93 7.72 4.19
N ASP B 173 26.74 6.84 4.77
CA ASP B 173 28.00 6.47 4.14
C ASP B 173 27.79 5.63 2.89
N ILE B 174 26.74 4.80 2.87
CA ILE B 174 26.49 3.93 1.72
C ILE B 174 25.95 4.75 0.56
N LEU B 175 25.09 5.73 0.84
CA LEU B 175 24.49 6.54 -0.22
C LEU B 175 25.56 7.37 -0.93
N VAL B 176 26.44 8.00 -0.16
CA VAL B 176 27.52 8.79 -0.77
C VAL B 176 28.50 7.89 -1.50
N ALA B 177 28.71 6.67 -1.01
CA ALA B 177 29.58 5.74 -1.70
C ALA B 177 28.99 5.31 -3.03
N LEU B 178 27.68 5.09 -3.08
CA LEU B 178 27.03 4.72 -4.33
C LEU B 178 26.95 5.90 -5.30
N HIS B 179 26.84 7.12 -4.78
CA HIS B 179 26.85 8.29 -5.64
C HIS B 179 28.24 8.52 -6.24
N ASN B 180 29.28 8.43 -5.41
CA ASN B 180 30.64 8.60 -5.90
C ASN B 180 31.02 7.54 -6.93
N ASN B 181 30.35 6.40 -6.92
CA ASN B 181 30.56 5.40 -7.97
C ASN B 181 30.05 5.92 -9.31
N ALA B 182 28.82 6.41 -9.36
CA ALA B 182 28.24 6.97 -10.57
C ALA B 182 28.70 8.40 -10.79
C13 ZNT C . 2.28 -1.65 0.00
C13 ZNT C . -2.38 -1.83 -0.34
C17 ZNT C . 1.69 -3.37 -2.75
C17 ZNT C . -1.50 -2.56 2.80
C20 ZNT C . 3.46 -1.09 -0.73
C20 ZNT C . -3.74 -1.67 0.27
C22 ZNT C . 4.42 1.19 -0.24
C22 ZNT C . -5.33 0.16 -0.39
C24 ZNT C . 3.00 3.21 -1.06
C24 ZNT C . -4.80 2.52 0.57
C26 ZNT C . 2.16 0.87 -1.49
C26 ZNT C . -3.29 0.59 1.16
C02 ZNT C . -3.18 -1.90 -0.42
C02 ZNT C . 3.50 -1.81 0.25
C03 ZNT C . -1.78 -2.22 -0.16
C03 ZNT C . 2.12 -2.22 0.04
C08 ZNT C . -1.82 -2.85 1.19
C08 ZNT C . 2.30 -3.12 -1.13
C09 ZNT C . -0.54 -2.61 1.94
C09 ZNT C . 1.02 -3.37 -1.87
C14 ZNT C . 2.20 -3.03 -0.43
C14 ZNT C . -1.71 -2.88 0.41
C16 ZNT C . 2.76 -3.08 -1.77
C16 ZNT C . -2.38 -3.03 1.68
C25 ZNT C . 1.99 2.31 -1.60
C25 ZNT C . -3.64 2.00 1.27
C32 ZNT C . -3.75 -1.57 0.93
C32 ZNT C . 3.88 -1.43 -1.14
C34 ZNT C . -4.62 0.74 0.60
C34 ZNT C . 3.85 1.02 -0.71
C36 ZNT C . -6.40 1.69 -0.56
C36 ZNT C . 5.08 2.48 0.60
C38 ZNT C . -5.00 3.12 0.62
C38 ZNT C . 3.36 3.38 -0.67
C40 ZNT C . -4.24 2.00 1.03
C40 ZNT C . 3.08 2.09 -1.15
C42 ZNT C . -2.85 0.53 1.85
C42 ZNT C . 2.36 0.25 -2.11
N21 ZNT C . 3.33 0.31 -0.83
N21 ZNT C . -4.10 -0.32 0.35
N23 ZNT C . 4.17 2.68 -0.40
N23 ZNT C . -5.62 1.65 -0.23
N33 ZNT C . -3.74 -0.14 1.12
N33 ZNT C . 3.37 -0.09 -1.34
N35 ZNT C . -5.70 0.62 -0.19
N35 ZNT C . 4.83 1.25 0.17
N37 ZNT C . -6.05 2.91 -0.16
N37 ZNT C . 4.35 3.52 0.20
N39 ZNT C . -4.64 4.47 1.05
N39 ZNT C . 2.58 4.53 -1.12
N41 ZNT C . -3.14 1.83 1.79
N41 ZNT C . 2.18 1.58 -2.01
O01 ZNT C . -3.85 -3.04 -0.96
O01 ZNT C . 4.26 -2.93 0.68
O04 ZNT C . -1.29 -3.15 -1.14
O04 ZNT C . 1.62 -2.87 1.21
O06 ZNT C . -1.42 -3.37 -3.80
O06 ZNT C . 1.52 -2.27 3.82
O07 ZNT C . -1.48 -1.21 -2.76
O07 ZNT C . 1.67 -0.53 2.18
O10 ZNT C . -0.24 -1.23 1.94
O10 ZNT C . 0.29 -2.18 -1.95
O12 ZNT C . 2.47 -1.56 1.42
O12 ZNT C . -2.51 -2.23 -1.72
O15 ZNT C . 2.97 -3.90 0.47
O15 ZNT C . -1.77 -4.15 -0.33
O18 ZNT C . 0.78 -2.27 -2.81
O18 ZNT C . -0.59 -1.58 2.32
O19 ZNT C . 3.38 -1.73 -2.05
O19 ZNT C . -3.64 -2.21 1.63
O27 ZNT C . 2.86 4.38 -1.16
O27 ZNT C . -5.08 3.66 0.67
O28 ZNT C . 5.37 0.75 0.30
O28 ZNT C . -6.00 -0.56 -1.06
O29 ZNT C . 1.51 0.74 2.34
O29 ZNT C . -1.30 -1.24 -3.87
O30 ZNT C . 1.53 -1.20 3.73
O30 ZNT C . -1.22 -3.58 -3.39
O31 ZNT C . -2.93 -2.21 1.90
O31 ZNT C . 3.23 -2.37 -1.98
P05 ZNT C . -0.85 -2.58 -2.66
P05 ZNT C . 1.05 -1.89 2.43
P11 ZNT C . 1.31 -0.75 2.30
P11 ZNT C . -1.19 -2.21 -2.72
#